data_4WJM
#
_entry.id   4WJM
#
_cell.length_a   109.890
_cell.length_b   109.890
_cell.length_c   58.100
_cell.angle_alpha   90.000
_cell.angle_beta   90.000
_cell.angle_gamma   90.000
#
_symmetry.space_group_name_H-M   'P 42 21 2'
#
loop_
_entity.id
_entity.type
_entity.pdbx_description
1 polymer 'Ribokinase:Carbohydrate kinase, PfkB'
2 non-polymer 'PHOSPHOAMINOPHOSPHONIC ACID-ADENYLATE ESTER'
3 non-polymer 'MAGNESIUM ION'
4 non-polymer 1,2-ETHANEDIOL
5 non-polymer 'MALONIC ACID'
6 water water
#
_entity_poly.entity_id   1
_entity_poly.type   'polypeptide(L)'
_entity_poly.pdbx_seq_one_letter_code
;HHHHHHMILCCGEALIDMLPRETTGGETAFQPFAGGSVFNTAIALGRLGVPTGFFSGISSDFFGDVLRDTLARSNVDYSF
AAISNRPTTLAFVRLVDGQARYAFYDENTAGRMLSRNDMPYVDETISAMLFGCISLISEPCGSVYETLLAREAPNRVMFL
DPNIRANLITVRKTHLTRMKRMIALADIVKLSDEDLDWFGEKGSHDEIAAEWLKLGPKLVVITKGAHGAVAYTNHATVPV
PGVKVDVVDTVGAGDTVNAGILASLHSQGLLTKDALANLSEDQIHSAVALGVRAAAVTVSRAGANPPWAHEM
;
_entity_poly.pdbx_strand_id   A
#
# COMPACT_ATOMS: atom_id res chain seq x y z
N HIS A 1 -20.15 12.22 -13.81
CA HIS A 1 -19.21 11.89 -12.76
C HIS A 1 -19.88 11.97 -11.41
N HIS A 2 -19.47 11.06 -10.55
CA HIS A 2 -20.11 10.94 -9.28
C HIS A 2 -19.28 11.66 -8.23
N HIS A 3 -19.98 12.26 -7.27
CA HIS A 3 -19.33 12.77 -6.06
C HIS A 3 -18.72 11.59 -5.29
N HIS A 4 -17.43 11.66 -4.98
CA HIS A 4 -16.79 10.54 -4.30
C HIS A 4 -16.66 10.78 -2.80
N HIS A 5 -17.31 11.85 -2.34
CA HIS A 5 -17.39 12.22 -0.93
C HIS A 5 -16.06 12.18 -0.16
N HIS A 6 -15.07 12.94 -0.63
CA HIS A 6 -13.80 13.13 0.07
C HIS A 6 -13.09 11.79 0.22
N MET A 7 -12.88 11.17 -0.92
CA MET A 7 -12.42 9.79 -1.03
C MET A 7 -10.89 9.68 -1.01
N ILE A 8 -10.40 8.57 -0.47
CA ILE A 8 -9.00 8.22 -0.61
C ILE A 8 -8.88 7.22 -1.74
N LEU A 9 -8.16 7.60 -2.79
CA LEU A 9 -8.05 6.77 -3.99
C LEU A 9 -6.70 6.05 -4.00
N CYS A 10 -6.76 4.73 -3.81
CA CYS A 10 -5.57 3.88 -3.85
C CYS A 10 -5.27 3.44 -5.28
N CYS A 11 -4.02 3.59 -5.68
CA CYS A 11 -3.60 3.33 -7.07
C CYS A 11 -2.46 2.34 -7.10
N GLY A 12 -2.72 1.13 -7.60
CA GLY A 12 -1.63 0.15 -7.63
C GLY A 12 -2.11 -1.27 -7.83
N GLU A 13 -1.25 -2.24 -7.47
CA GLU A 13 -1.48 -3.59 -7.95
C GLU A 13 -2.58 -4.36 -7.23
N ALA A 14 -3.27 -5.18 -8.00
CA ALA A 14 -4.22 -6.18 -7.52
C ALA A 14 -3.81 -7.48 -8.19
N LEU A 15 -3.63 -8.53 -7.41
CA LEU A 15 -3.13 -9.78 -7.96
C LEU A 15 -3.70 -10.98 -7.20
N ILE A 16 -3.39 -12.18 -7.66
CA ILE A 16 -3.80 -13.39 -6.95
C ILE A 16 -2.57 -14.03 -6.34
N ASP A 17 -2.55 -14.20 -5.03
CA ASP A 17 -1.51 -14.93 -4.39
C ASP A 17 -1.88 -16.42 -4.45
N MET A 18 -0.96 -17.23 -4.92
CA MET A 18 -1.19 -18.64 -5.11
C MET A 18 -0.38 -19.39 -4.06
N LEU A 19 -1.04 -19.84 -3.00
CA LEU A 19 -0.35 -20.35 -1.82
C LEU A 19 -0.49 -21.87 -1.64
N PRO A 20 0.56 -22.52 -1.18
CA PRO A 20 0.54 -23.98 -1.07
C PRO A 20 -0.42 -24.47 0.00
N ARG A 21 -1.29 -25.41 -0.37
CA ARG A 21 -2.21 -26.03 0.57
C ARG A 21 -2.21 -27.55 0.35
N GLU A 22 -2.72 -28.29 1.32
CA GLU A 22 -2.82 -29.73 1.19
C GLU A 22 -4.21 -30.13 0.71
N THR A 23 -4.28 -30.97 -0.32
CA THR A 23 -5.57 -31.48 -0.74
C THR A 23 -5.97 -32.64 0.17
N THR A 24 -7.23 -33.05 0.08
CA THR A 24 -7.70 -34.21 0.83
C THR A 24 -6.86 -35.43 0.52
N GLY A 25 -6.44 -35.56 -0.74
CA GLY A 25 -5.64 -36.69 -1.19
C GLY A 25 -4.17 -36.60 -0.84
N GLY A 26 -3.81 -35.66 0.04
CA GLY A 26 -2.45 -35.52 0.48
C GLY A 26 -1.49 -35.01 -0.58
N GLU A 27 -2.01 -34.20 -1.49
CA GLU A 27 -1.20 -33.62 -2.56
C GLU A 27 -1.13 -32.09 -2.43
N THR A 28 -0.05 -31.50 -2.90
CA THR A 28 0.10 -30.05 -2.89
C THR A 28 -0.71 -29.38 -3.99
N ALA A 29 -1.47 -28.35 -3.61
CA ALA A 29 -2.17 -27.53 -4.59
C ALA A 29 -1.95 -26.08 -4.25
N PHE A 30 -2.36 -25.20 -5.16
CA PHE A 30 -2.24 -23.77 -4.94
C PHE A 30 -3.62 -23.16 -4.74
N GLN A 31 -3.84 -22.60 -3.56
CA GLN A 31 -5.11 -21.93 -3.28
C GLN A 31 -4.98 -20.44 -3.58
N PRO A 32 -5.93 -19.91 -4.37
CA PRO A 32 -5.90 -18.49 -4.78
C PRO A 32 -6.47 -17.55 -3.73
N PHE A 33 -5.73 -16.47 -3.45
CA PHE A 33 -6.17 -15.44 -2.51
C PHE A 33 -6.04 -14.06 -3.14
N ALA A 34 -7.09 -13.25 -3.02
CA ALA A 34 -7.02 -11.87 -3.46
C ALA A 34 -5.90 -11.14 -2.73
N GLY A 35 -5.10 -10.37 -3.45
CA GLY A 35 -3.95 -9.75 -2.81
C GLY A 35 -3.35 -8.63 -3.64
N GLY A 36 -2.11 -8.27 -3.32
CA GLY A 36 -1.48 -7.09 -3.87
C GLY A 36 -1.47 -6.06 -2.77
N SER A 37 -0.33 -5.41 -2.56
CA SER A 37 -0.19 -4.49 -1.45
C SER A 37 -1.15 -3.31 -1.54
N VAL A 38 -1.25 -2.66 -2.69
CA VAL A 38 -2.10 -1.49 -2.77
C VAL A 38 -3.58 -1.91 -2.67
N PHE A 39 -3.92 -3.02 -3.32
CA PHE A 39 -5.24 -3.66 -3.13
C PHE A 39 -5.56 -3.87 -1.64
N ASN A 40 -4.62 -4.45 -0.90
CA ASN A 40 -4.79 -4.72 0.53
C ASN A 40 -5.05 -3.44 1.32
N THR A 41 -4.31 -2.39 0.97
CA THR A 41 -4.50 -1.10 1.63
C THR A 41 -5.90 -0.57 1.38
N ALA A 42 -6.37 -0.69 0.14
CA ALA A 42 -7.74 -0.27 -0.20
C ALA A 42 -8.78 -1.05 0.58
N ILE A 43 -8.61 -2.37 0.64
CA ILE A 43 -9.49 -3.21 1.47
C ILE A 43 -9.49 -2.73 2.93
N ALA A 44 -8.30 -2.47 3.47
CA ALA A 44 -8.18 -2.06 4.87
C ALA A 44 -8.88 -0.73 5.10
N LEU A 45 -8.73 0.19 4.16
CA LEU A 45 -9.40 1.49 4.27
C LEU A 45 -10.91 1.34 4.24
N GLY A 46 -11.41 0.53 3.32
CA GLY A 46 -12.84 0.30 3.24
C GLY A 46 -13.38 -0.26 4.55
N ARG A 47 -12.65 -1.20 5.13
CA ARG A 47 -13.10 -1.87 6.36
C ARG A 47 -13.06 -0.92 7.55
N LEU A 48 -12.20 0.10 7.49
CA LEU A 48 -12.17 1.11 8.56
C LEU A 48 -13.27 2.15 8.39
N GLY A 49 -14.03 2.06 7.29
CA GLY A 49 -15.20 2.93 7.11
C GLY A 49 -14.97 4.24 6.36
N VAL A 50 -13.76 4.42 5.85
CA VAL A 50 -13.35 5.57 5.07
C VAL A 50 -13.86 5.46 3.64
N PRO A 51 -14.30 6.58 3.04
CA PRO A 51 -14.66 6.50 1.62
C PRO A 51 -13.43 6.17 0.78
N THR A 52 -13.47 5.03 0.11
CA THR A 52 -12.25 4.47 -0.47
C THR A 52 -12.46 4.08 -1.92
N GLY A 53 -11.47 4.40 -2.75
CA GLY A 53 -11.52 4.03 -4.15
C GLY A 53 -10.28 3.29 -4.57
N PHE A 54 -10.36 2.58 -5.70
CA PHE A 54 -9.25 1.77 -6.18
C PHE A 54 -9.10 1.93 -7.69
N PHE A 55 -7.91 2.38 -8.11
CA PHE A 55 -7.53 2.45 -9.51
C PHE A 55 -6.41 1.45 -9.76
N SER A 56 -6.63 0.60 -10.76
CA SER A 56 -5.74 -0.49 -11.09
C SER A 56 -6.10 -1.01 -12.46
N GLY A 57 -5.33 -1.97 -12.96
CA GLY A 57 -5.77 -2.78 -14.08
C GLY A 57 -6.30 -4.11 -13.56
N ILE A 58 -7.54 -4.42 -13.93
CA ILE A 58 -8.20 -5.65 -13.46
C ILE A 58 -8.76 -6.44 -14.65
N SER A 59 -8.61 -7.75 -14.62
CA SER A 59 -9.07 -8.60 -15.70
C SER A 59 -10.57 -8.84 -15.66
N SER A 60 -11.13 -9.09 -16.84
CA SER A 60 -12.49 -9.57 -16.97
C SER A 60 -12.60 -11.06 -16.68
N ASP A 61 -11.47 -11.74 -16.49
CA ASP A 61 -11.53 -13.20 -16.28
C ASP A 61 -11.90 -13.57 -14.83
N PHE A 62 -11.93 -14.86 -14.51
CA PHE A 62 -12.53 -15.29 -13.25
C PHE A 62 -11.68 -14.89 -12.03
N PHE A 63 -10.39 -14.64 -12.25
CA PHE A 63 -9.54 -14.16 -11.15
C PHE A 63 -9.83 -12.69 -10.91
N GLY A 64 -10.09 -11.95 -11.98
CA GLY A 64 -10.53 -10.58 -11.88
C GLY A 64 -11.83 -10.50 -11.12
N ASP A 65 -12.71 -11.48 -11.35
CA ASP A 65 -13.97 -11.54 -10.60
C ASP A 65 -13.72 -11.68 -9.10
N VAL A 66 -12.74 -12.49 -8.71
CA VAL A 66 -12.39 -12.65 -7.30
C VAL A 66 -11.99 -11.30 -6.69
N LEU A 67 -11.12 -10.60 -7.41
CA LEU A 67 -10.66 -9.29 -6.94
C LEU A 67 -11.81 -8.31 -6.78
N ARG A 68 -12.68 -8.21 -7.77
CA ARG A 68 -13.82 -7.30 -7.71
C ARG A 68 -14.80 -7.65 -6.59
N ASP A 69 -15.02 -8.95 -6.40
N ASP A 69 -15.03 -8.94 -6.40
CA ASP A 69 -15.95 -9.39 -5.36
CA ASP A 69 -15.96 -9.40 -5.36
C ASP A 69 -15.43 -9.04 -3.98
C ASP A 69 -15.42 -8.99 -3.99
N THR A 70 -14.11 -9.13 -3.81
CA THR A 70 -13.47 -8.82 -2.54
C THR A 70 -13.56 -7.31 -2.28
N LEU A 71 -13.30 -6.52 -3.32
CA LEU A 71 -13.39 -5.07 -3.20
C LEU A 71 -14.80 -4.65 -2.84
N ALA A 72 -15.79 -5.25 -3.49
CA ALA A 72 -17.18 -4.86 -3.28
C ALA A 72 -17.63 -5.12 -1.84
N ARG A 73 -17.24 -6.26 -1.29
CA ARG A 73 -17.69 -6.63 0.05
C ARG A 73 -16.99 -5.80 1.12
N SER A 74 -15.88 -5.15 0.74
CA SER A 74 -15.21 -4.23 1.66
C SER A 74 -15.54 -2.77 1.34
N ASN A 75 -16.58 -2.58 0.52
CA ASN A 75 -17.15 -1.26 0.23
C ASN A 75 -16.20 -0.32 -0.52
N VAL A 76 -15.28 -0.89 -1.29
CA VAL A 76 -14.35 -0.11 -2.08
C VAL A 76 -14.92 0.17 -3.46
N ASP A 77 -14.84 1.44 -3.87
CA ASP A 77 -15.30 1.86 -5.19
C ASP A 77 -14.21 1.64 -6.21
N TYR A 78 -14.39 0.64 -7.08
CA TYR A 78 -13.34 0.33 -8.06
C TYR A 78 -13.78 0.76 -9.45
N SER A 79 -14.74 1.68 -9.53
CA SER A 79 -15.19 2.18 -10.83
C SER A 79 -14.05 2.81 -11.61
N PHE A 80 -13.00 3.24 -10.90
CA PHE A 80 -11.83 3.87 -11.50
C PHE A 80 -10.99 2.90 -12.32
N ALA A 81 -11.07 1.61 -12.00
CA ALA A 81 -10.14 0.64 -12.57
C ALA A 81 -10.36 0.42 -14.05
N ALA A 82 -9.29 0.13 -14.77
CA ALA A 82 -9.38 -0.22 -16.17
C ALA A 82 -9.60 -1.73 -16.31
N ILE A 83 -10.71 -2.12 -16.90
CA ILE A 83 -10.99 -3.54 -17.13
C ILE A 83 -10.53 -3.94 -18.53
N SER A 84 -9.85 -5.08 -18.61
CA SER A 84 -9.41 -5.63 -19.90
C SER A 84 -9.46 -7.15 -19.90
N ASN A 85 -9.33 -7.75 -21.09
CA ASN A 85 -9.38 -9.20 -21.21
C ASN A 85 -8.03 -9.90 -21.00
N ARG A 86 -7.03 -9.13 -20.59
CA ARG A 86 -5.72 -9.68 -20.29
C ARG A 86 -5.76 -10.46 -18.98
N PRO A 87 -4.89 -11.47 -18.84
CA PRO A 87 -4.92 -12.29 -17.61
C PRO A 87 -4.51 -11.55 -16.34
N THR A 88 -4.80 -12.18 -15.21
CA THR A 88 -4.50 -11.64 -13.90
C THR A 88 -3.12 -12.08 -13.43
N THR A 89 -2.36 -11.14 -12.87
CA THR A 89 -1.09 -11.41 -12.21
C THR A 89 -1.22 -12.53 -11.16
N LEU A 90 -0.34 -13.52 -11.23
CA LEU A 90 -0.30 -14.62 -10.25
C LEU A 90 1.04 -14.65 -9.53
N ALA A 91 1.00 -14.73 -8.19
CA ALA A 91 2.21 -14.81 -7.39
C ALA A 91 2.27 -16.14 -6.64
N PHE A 92 3.11 -17.05 -7.12
CA PHE A 92 3.26 -18.38 -6.52
C PHE A 92 4.26 -18.38 -5.36
N VAL A 93 3.87 -19.00 -4.26
CA VAL A 93 4.75 -19.17 -3.10
C VAL A 93 4.93 -20.65 -2.84
N ARG A 94 6.16 -21.06 -2.54
CA ARG A 94 6.45 -22.43 -2.15
C ARG A 94 7.43 -22.46 -0.97
N LEU A 95 7.39 -23.54 -0.21
CA LEU A 95 8.42 -23.80 0.79
C LEU A 95 9.32 -24.92 0.28
N VAL A 96 10.58 -24.59 0.02
CA VAL A 96 11.55 -25.56 -0.48
C VAL A 96 12.74 -25.64 0.47
N ASP A 97 12.84 -26.77 1.17
CA ASP A 97 13.91 -26.99 2.15
C ASP A 97 13.90 -25.90 3.23
N GLY A 98 12.71 -25.59 3.73
CA GLY A 98 12.56 -24.60 4.78
C GLY A 98 12.87 -23.19 4.35
N GLN A 99 12.82 -22.95 3.04
CA GLN A 99 13.06 -21.61 2.51
C GLN A 99 11.96 -21.23 1.53
N ALA A 100 11.58 -19.95 1.52
CA ALA A 100 10.51 -19.46 0.66
C ALA A 100 10.98 -19.22 -0.76
N ARG A 101 10.25 -19.77 -1.72
CA ARG A 101 10.57 -19.57 -3.14
C ARG A 101 9.40 -18.89 -3.84
N TYR A 102 9.69 -17.88 -4.65
CA TYR A 102 8.64 -17.09 -5.30
C TYR A 102 8.70 -17.18 -6.82
N ALA A 103 7.54 -17.27 -7.46
CA ALA A 103 7.45 -17.23 -8.92
C ALA A 103 6.37 -16.24 -9.33
N PHE A 104 6.77 -15.22 -10.07
CA PHE A 104 5.87 -14.11 -10.40
C PHE A 104 5.44 -14.17 -11.87
N TYR A 105 4.17 -14.51 -12.10
CA TYR A 105 3.63 -14.65 -13.45
C TYR A 105 2.86 -13.37 -13.82
N ASP A 106 3.54 -12.45 -14.48
CA ASP A 106 2.99 -11.12 -14.75
C ASP A 106 3.12 -10.70 -16.22
N GLU A 107 3.11 -11.67 -17.13
CA GLU A 107 3.26 -11.35 -18.55
C GLU A 107 1.97 -10.83 -19.19
N ASN A 108 2.06 -9.62 -19.76
CA ASN A 108 0.95 -9.00 -20.48
CA ASN A 108 0.95 -9.00 -20.49
C ASN A 108 -0.38 -9.05 -19.72
N THR A 109 -0.31 -8.73 -18.44
CA THR A 109 -1.46 -8.84 -17.56
C THR A 109 -2.31 -7.58 -17.58
N ALA A 110 -3.54 -7.71 -17.09
CA ALA A 110 -4.43 -6.56 -16.91
C ALA A 110 -3.73 -5.47 -16.12
N GLY A 111 -3.07 -5.84 -15.04
CA GLY A 111 -2.42 -4.84 -14.19
C GLY A 111 -1.18 -4.20 -14.78
N ARG A 112 -0.40 -4.97 -15.54
CA ARG A 112 0.89 -4.47 -15.99
C ARG A 112 0.78 -3.57 -17.21
N MET A 113 -0.21 -3.83 -18.07
CA MET A 113 -0.22 -3.14 -19.36
C MET A 113 -1.10 -1.89 -19.39
N LEU A 114 -1.17 -1.20 -18.24
CA LEU A 114 -1.86 0.08 -18.19
C LEU A 114 -1.22 1.10 -19.13
N SER A 115 -2.04 1.99 -19.68
CA SER A 115 -1.54 3.07 -20.51
C SER A 115 -2.01 4.41 -19.96
N ARG A 116 -1.48 5.51 -20.49
CA ARG A 116 -1.93 6.84 -20.08
C ARG A 116 -3.43 7.02 -20.31
N ASN A 117 -3.95 6.40 -21.37
CA ASN A 117 -5.38 6.39 -21.64
C ASN A 117 -6.22 5.82 -20.51
N ASP A 118 -5.62 5.01 -19.64
CA ASP A 118 -6.38 4.36 -18.57
C ASP A 118 -6.50 5.20 -17.31
N MET A 119 -5.77 6.31 -17.23
CA MET A 119 -5.74 7.09 -16.00
C MET A 119 -7.15 7.58 -15.63
N PRO A 120 -7.46 7.55 -14.32
CA PRO A 120 -8.80 7.91 -13.87
C PRO A 120 -9.10 9.40 -13.91
N TYR A 121 -10.39 9.69 -13.95
CA TYR A 121 -10.88 11.05 -13.75
C TYR A 121 -10.88 11.37 -12.26
N VAL A 122 -10.17 12.45 -11.91
CA VAL A 122 -9.92 12.84 -10.52
C VAL A 122 -10.39 14.28 -10.29
N ASP A 123 -11.49 14.48 -9.56
CA ASP A 123 -11.93 15.85 -9.32
C ASP A 123 -11.72 16.26 -7.86
N GLU A 124 -12.39 17.34 -7.45
CA GLU A 124 -12.17 17.89 -6.12
C GLU A 124 -12.72 17.00 -5.00
N THR A 125 -13.47 15.95 -5.34
CA THR A 125 -14.04 15.08 -4.31
C THR A 125 -13.13 13.88 -3.97
N ILE A 126 -11.92 13.88 -4.52
CA ILE A 126 -10.87 12.96 -4.07
C ILE A 126 -9.91 13.71 -3.15
N SER A 127 -9.87 13.32 -1.87
CA SER A 127 -9.06 14.09 -0.92
C SER A 127 -7.59 13.64 -0.91
N ALA A 128 -7.34 12.39 -1.27
CA ALA A 128 -5.97 11.87 -1.18
C ALA A 128 -5.76 10.72 -2.14
N MET A 129 -4.51 10.47 -2.52
CA MET A 129 -4.20 9.33 -3.36
C MET A 129 -3.03 8.58 -2.78
N LEU A 130 -3.02 7.26 -2.94
CA LEU A 130 -1.94 6.43 -2.41
C LEU A 130 -1.31 5.62 -3.53
N PHE A 131 0.02 5.54 -3.50
CA PHE A 131 0.82 4.77 -4.46
C PHE A 131 1.81 3.88 -3.72
N GLY A 132 2.26 2.80 -4.36
CA GLY A 132 3.34 2.02 -3.78
C GLY A 132 3.65 0.65 -4.36
N CYS A 133 4.72 0.07 -3.84
CA CYS A 133 5.01 -1.35 -4.00
C CYS A 133 5.30 -1.76 -5.45
N ILE A 134 4.91 -2.96 -5.84
CA ILE A 134 5.47 -3.54 -7.06
C ILE A 134 4.87 -2.96 -8.34
N SER A 135 3.71 -2.31 -8.24
CA SER A 135 3.12 -1.62 -9.39
C SER A 135 4.05 -0.52 -9.90
N LEU A 136 5.00 -0.09 -9.07
CA LEU A 136 5.93 0.97 -9.45
C LEU A 136 7.22 0.41 -10.05
N ILE A 137 7.41 -0.90 -9.93
CA ILE A 137 8.59 -1.54 -10.51
C ILE A 137 8.39 -1.87 -11.97
N SER A 138 7.25 -2.50 -12.26
CA SER A 138 6.94 -3.02 -13.58
C SER A 138 6.62 -1.94 -14.61
N GLU A 139 6.77 -2.29 -15.88
CA GLU A 139 6.44 -1.41 -17.00
C GLU A 139 5.48 -2.14 -17.94
N PRO A 140 4.58 -1.40 -18.60
CA PRO A 140 4.48 0.07 -18.55
C PRO A 140 3.70 0.67 -17.38
N CYS A 141 3.07 -0.15 -16.54
CA CYS A 141 2.21 0.44 -15.50
C CYS A 141 2.95 1.40 -14.57
N GLY A 142 4.22 1.12 -14.28
CA GLY A 142 4.99 1.94 -13.37
C GLY A 142 5.09 3.37 -13.83
N SER A 143 5.28 3.55 -15.14
CA SER A 143 5.36 4.89 -15.70
C SER A 143 4.01 5.59 -15.63
N VAL A 144 2.93 4.83 -15.80
CA VAL A 144 1.60 5.39 -15.71
C VAL A 144 1.32 5.88 -14.29
N TYR A 145 1.65 5.05 -13.30
CA TYR A 145 1.43 5.43 -11.91
C TYR A 145 2.30 6.64 -11.54
N GLU A 146 3.55 6.67 -11.98
CA GLU A 146 4.41 7.82 -11.65
C GLU A 146 3.86 9.09 -12.28
N THR A 147 3.36 8.97 -13.50
CA THR A 147 2.77 10.11 -14.19
C THR A 147 1.52 10.62 -13.46
N LEU A 148 0.72 9.70 -12.95
CA LEU A 148 -0.49 10.07 -12.23
C LEU A 148 -0.14 10.79 -10.94
N LEU A 149 0.88 10.30 -10.22
CA LEU A 149 1.32 10.97 -9.00
C LEU A 149 1.80 12.38 -9.33
N ALA A 150 2.65 12.52 -10.34
CA ALA A 150 3.18 13.82 -10.73
C ALA A 150 2.07 14.78 -11.16
N ARG A 151 1.07 14.26 -11.86
CA ARG A 151 -0.07 15.07 -12.32
C ARG A 151 -0.93 15.58 -11.16
N GLU A 152 -1.13 14.75 -10.15
CA GLU A 152 -2.09 15.09 -9.11
C GLU A 152 -1.47 15.65 -7.82
N ALA A 153 -0.16 15.53 -7.68
CA ALA A 153 0.52 15.97 -6.46
C ALA A 153 0.19 17.42 -6.08
N PRO A 154 0.14 18.34 -7.05
CA PRO A 154 -0.17 19.72 -6.60
C PRO A 154 -1.58 19.92 -6.06
N ASN A 155 -2.49 18.98 -6.34
CA ASN A 155 -3.91 19.19 -6.13
C ASN A 155 -4.48 18.60 -4.84
N ARG A 156 -3.81 17.63 -4.26
CA ARG A 156 -4.37 16.92 -3.11
C ARG A 156 -3.30 16.10 -2.39
N VAL A 157 -3.68 15.41 -1.32
CA VAL A 157 -2.69 14.73 -0.48
C VAL A 157 -2.17 13.46 -1.15
N MET A 158 -0.85 13.30 -1.16
CA MET A 158 -0.19 12.12 -1.73
C MET A 158 0.49 11.26 -0.65
N PHE A 159 0.19 9.96 -0.66
CA PHE A 159 0.80 9.00 0.28
C PHE A 159 1.62 8.02 -0.54
N LEU A 160 2.88 7.78 -0.17
CA LEU A 160 3.71 6.82 -0.87
C LEU A 160 4.19 5.73 0.08
N ASP A 161 4.02 4.47 -0.35
CA ASP A 161 4.44 3.27 0.38
C ASP A 161 5.44 2.52 -0.48
N PRO A 162 6.75 2.88 -0.39
CA PRO A 162 7.74 2.23 -1.28
C PRO A 162 7.66 0.70 -1.26
N ASN A 163 7.52 0.12 -0.06
CA ASN A 163 7.26 -1.32 0.11
C ASN A 163 8.08 -2.14 -0.86
N ILE A 164 9.38 -2.14 -0.65
CA ILE A 164 10.32 -2.73 -1.60
C ILE A 164 10.31 -4.26 -1.68
N ARG A 165 10.24 -4.74 -2.90
CA ARG A 165 10.36 -6.14 -3.16
C ARG A 165 11.56 -6.35 -4.11
N ALA A 166 12.74 -6.41 -3.55
CA ALA A 166 13.95 -6.41 -4.34
C ALA A 166 14.09 -7.59 -5.29
N ASN A 167 13.46 -8.69 -4.99
CA ASN A 167 13.53 -9.85 -5.87
C ASN A 167 12.92 -9.60 -7.25
N LEU A 168 12.08 -8.56 -7.36
CA LEU A 168 11.43 -8.24 -8.62
C LEU A 168 12.09 -7.05 -9.31
N ILE A 169 13.04 -6.42 -8.63
CA ILE A 169 13.77 -5.30 -9.19
C ILE A 169 14.98 -5.80 -9.98
N THR A 170 14.96 -5.62 -11.29
CA THR A 170 16.04 -6.13 -12.15
C THR A 170 17.18 -5.12 -12.26
N VAL A 171 16.85 -3.84 -12.31
CA VAL A 171 17.86 -2.79 -12.31
C VAL A 171 17.62 -1.84 -11.13
N ARG A 172 18.50 -1.92 -10.13
CA ARG A 172 18.35 -1.13 -8.91
C ARG A 172 18.35 0.38 -9.18
N LYS A 173 19.29 0.82 -10.01
CA LYS A 173 19.48 2.25 -10.28
C LYS A 173 18.20 2.95 -10.73
N THR A 174 17.50 2.34 -11.68
CA THR A 174 16.29 2.93 -12.25
CA THR A 174 16.32 2.91 -12.34
C THR A 174 15.14 2.92 -11.24
N HIS A 175 14.98 1.88 -10.45
CA HIS A 175 13.90 1.93 -9.46
C HIS A 175 14.21 2.91 -8.36
N LEU A 176 15.48 2.98 -7.96
CA LEU A 176 15.91 3.96 -6.97
C LEU A 176 15.64 5.41 -7.43
N THR A 177 15.94 5.74 -8.68
CA THR A 177 15.67 7.11 -9.12
C THR A 177 14.16 7.38 -9.15
N ARG A 178 13.36 6.38 -9.50
CA ARG A 178 11.90 6.57 -9.48
C ARG A 178 11.42 6.79 -8.05
N MET A 179 11.92 6.00 -7.10
CA MET A 179 11.56 6.18 -5.70
C MET A 179 11.86 7.58 -5.22
N LYS A 180 13.04 8.10 -5.57
CA LYS A 180 13.41 9.43 -5.11
C LYS A 180 12.49 10.51 -5.70
N ARG A 181 12.15 10.37 -6.98
CA ARG A 181 11.26 11.33 -7.62
C ARG A 181 9.89 11.30 -6.95
N MET A 182 9.42 10.10 -6.63
CA MET A 182 8.06 9.96 -6.07
C MET A 182 8.01 10.37 -4.59
N ILE A 183 9.08 10.13 -3.84
CA ILE A 183 9.18 10.64 -2.47
C ILE A 183 9.11 12.16 -2.46
N ALA A 184 9.80 12.79 -3.40
CA ALA A 184 9.81 14.25 -3.50
C ALA A 184 8.40 14.81 -3.72
N LEU A 185 7.53 14.01 -4.33
CA LEU A 185 6.15 14.43 -4.64
C LEU A 185 5.14 14.01 -3.58
N ALA A 186 5.59 13.30 -2.55
CA ALA A 186 4.68 12.78 -1.54
C ALA A 186 4.53 13.71 -0.35
N ASP A 187 3.34 13.80 0.21
CA ASP A 187 3.15 14.49 1.49
C ASP A 187 3.45 13.58 2.67
N ILE A 188 3.08 12.30 2.53
CA ILE A 188 3.34 11.29 3.56
C ILE A 188 4.08 10.12 2.93
N VAL A 189 5.14 9.67 3.57
CA VAL A 189 5.87 8.50 3.15
C VAL A 189 5.94 7.54 4.34
N LYS A 190 5.49 6.31 4.15
CA LYS A 190 5.60 5.27 5.18
C LYS A 190 6.41 4.11 4.63
N LEU A 191 7.35 3.60 5.41
CA LEU A 191 8.11 2.42 4.96
C LEU A 191 8.69 1.69 6.16
N SER A 192 9.16 0.46 5.93
CA SER A 192 9.74 -0.31 7.03
C SER A 192 11.23 -0.01 7.14
N ASP A 193 11.83 -0.44 8.26
CA ASP A 193 13.29 -0.38 8.40
C ASP A 193 14.00 -1.10 7.26
N GLU A 194 13.50 -2.28 6.86
CA GLU A 194 14.09 -3.03 5.76
C GLU A 194 13.96 -2.29 4.43
N ASP A 195 12.80 -1.69 4.19
CA ASP A 195 12.61 -0.81 3.02
C ASP A 195 13.69 0.24 2.98
N LEU A 196 13.86 0.93 4.10
CA LEU A 196 14.80 2.03 4.19
C LEU A 196 16.23 1.54 3.96
N ASP A 197 16.56 0.36 4.48
CA ASP A 197 17.89 -0.22 4.26
C ASP A 197 18.23 -0.35 2.77
N TRP A 198 17.22 -0.64 1.96
CA TRP A 198 17.43 -0.83 0.53
C TRP A 198 17.90 0.46 -0.17
N PHE A 199 17.53 1.61 0.38
CA PHE A 199 17.90 2.89 -0.21
C PHE A 199 19.41 3.15 -0.07
N GLY A 200 20.06 2.42 0.84
CA GLY A 200 21.51 2.53 1.01
C GLY A 200 22.04 3.92 1.30
N GLU A 201 21.40 4.62 2.24
CA GLU A 201 21.81 5.96 2.58
C GLU A 201 22.52 6.01 3.93
N LYS A 202 23.20 7.12 4.21
CA LYS A 202 24.10 7.18 5.36
C LYS A 202 23.41 7.62 6.65
N GLY A 203 23.84 7.03 7.76
CA GLY A 203 23.41 7.46 9.08
C GLY A 203 22.30 6.64 9.69
N SER A 204 21.88 7.03 10.89
CA SER A 204 20.78 6.40 11.59
CA SER A 204 20.79 6.34 11.57
C SER A 204 19.50 6.57 10.79
N HIS A 205 18.53 5.67 10.99
CA HIS A 205 17.28 5.81 10.28
C HIS A 205 16.56 7.07 10.71
N ASP A 206 16.79 7.51 11.95
CA ASP A 206 16.26 8.80 12.40
C ASP A 206 16.87 9.96 11.61
N GLU A 207 18.16 9.85 11.34
CA GLU A 207 18.87 10.88 10.57
C GLU A 207 18.38 10.94 9.12
N ILE A 208 18.15 9.78 8.52
CA ILE A 208 17.68 9.71 7.14
C ILE A 208 16.26 10.28 7.05
N ALA A 209 15.40 9.99 8.01
CA ALA A 209 14.06 10.57 8.01
C ALA A 209 14.11 12.10 8.00
N ALA A 210 15.00 12.66 8.81
CA ALA A 210 15.19 14.10 8.87
C ALA A 210 15.64 14.66 7.52
N GLU A 211 16.51 13.92 6.83
CA GLU A 211 16.93 14.36 5.50
C GLU A 211 15.78 14.34 4.50
N TRP A 212 14.95 13.31 4.55
CA TRP A 212 13.82 13.24 3.63
C TRP A 212 12.79 14.32 3.89
N LEU A 213 12.69 14.80 5.13
CA LEU A 213 11.76 15.88 5.47
C LEU A 213 12.20 17.22 4.89
N LYS A 214 13.39 17.25 4.27
CA LYS A 214 13.82 18.43 3.53
C LYS A 214 13.52 18.32 2.04
N LEU A 215 13.00 17.18 1.60
CA LEU A 215 12.86 16.89 0.17
C LEU A 215 11.43 17.00 -0.35
N GLY A 216 10.46 17.25 0.52
CA GLY A 216 9.07 17.32 0.10
C GLY A 216 8.06 16.80 1.11
N PRO A 217 8.25 15.55 1.58
CA PRO A 217 7.32 15.00 2.57
C PRO A 217 7.17 15.86 3.83
N LYS A 218 5.96 15.90 4.38
CA LYS A 218 5.73 16.60 5.64
C LYS A 218 5.70 15.59 6.80
N LEU A 219 5.47 14.33 6.46
CA LEU A 219 5.41 13.27 7.48
C LEU A 219 6.07 12.01 6.97
N VAL A 220 7.05 11.51 7.73
CA VAL A 220 7.70 10.27 7.39
C VAL A 220 7.43 9.28 8.52
N VAL A 221 6.96 8.08 8.18
CA VAL A 221 6.74 7.05 9.20
C VAL A 221 7.56 5.80 8.91
N ILE A 222 8.35 5.38 9.90
CA ILE A 222 9.14 4.15 9.76
C ILE A 222 8.53 3.07 10.64
N THR A 223 8.10 1.97 10.04
CA THR A 223 7.47 0.91 10.85
C THR A 223 8.54 -0.04 11.34
N LYS A 224 8.29 -0.64 12.50
CA LYS A 224 9.35 -1.39 13.19
C LYS A 224 8.90 -2.75 13.72
N GLY A 225 8.07 -3.45 12.96
CA GLY A 225 7.61 -4.77 13.37
C GLY A 225 6.89 -4.76 14.72
N ALA A 226 7.30 -5.69 15.60
CA ALA A 226 6.67 -5.82 16.91
C ALA A 226 6.89 -4.52 17.71
N HIS A 227 7.88 -3.74 17.28
CA HIS A 227 8.26 -2.52 17.97
C HIS A 227 7.40 -1.31 17.59
N GLY A 228 6.40 -1.50 16.72
CA GLY A 228 5.52 -0.38 16.44
C GLY A 228 5.99 0.47 15.28
N ALA A 229 6.12 1.77 15.51
CA ALA A 229 6.56 2.70 14.47
C ALA A 229 7.13 3.98 15.07
N VAL A 230 7.90 4.73 14.29
CA VAL A 230 8.28 6.09 14.69
C VAL A 230 7.88 7.04 13.59
N ALA A 231 7.24 8.14 13.97
CA ALA A 231 6.79 9.14 13.02
C ALA A 231 7.64 10.38 13.14
N TYR A 232 7.98 10.97 12.00
CA TYR A 232 8.87 12.15 11.96
C TYR A 232 8.24 13.32 11.21
N THR A 233 8.22 14.49 11.81
CA THR A 233 7.97 15.72 11.08
C THR A 233 9.07 16.76 11.39
N ASN A 234 9.00 17.91 10.75
CA ASN A 234 9.86 19.02 11.09
C ASN A 234 9.58 19.65 12.46
N HIS A 235 8.53 19.22 13.15
CA HIS A 235 8.18 19.81 14.42
C HIS A 235 8.22 18.85 15.60
N ALA A 236 8.33 17.57 15.30
CA ALA A 236 8.24 16.54 16.33
C ALA A 236 8.75 15.19 15.85
N THR A 237 9.11 14.35 16.81
CA THR A 237 9.35 12.94 16.54
C THR A 237 8.48 12.15 17.52
N VAL A 238 7.69 11.20 17.01
CA VAL A 238 6.68 10.53 17.80
C VAL A 238 6.83 9.01 17.75
N PRO A 239 7.42 8.42 18.79
CA PRO A 239 7.53 6.96 18.86
C PRO A 239 6.18 6.37 19.25
N VAL A 240 5.77 5.31 18.57
CA VAL A 240 4.53 4.62 18.89
C VAL A 240 4.84 3.14 19.12
N PRO A 241 4.63 2.66 20.35
CA PRO A 241 4.98 1.27 20.64
C PRO A 241 4.05 0.27 19.95
N GLY A 242 4.56 -0.94 19.71
CA GLY A 242 3.74 -1.99 19.12
C GLY A 242 2.72 -2.51 20.12
N VAL A 243 1.69 -3.18 19.60
CA VAL A 243 0.69 -3.86 20.42
C VAL A 243 1.07 -5.34 20.49
N LYS A 244 1.08 -5.92 21.69
CA LYS A 244 1.46 -7.32 21.82
C LYS A 244 0.32 -8.24 21.40
N VAL A 245 0.60 -9.16 20.49
CA VAL A 245 -0.41 -10.12 20.05
C VAL A 245 0.20 -11.50 19.83
N ASP A 246 -0.67 -12.50 19.76
CA ASP A 246 -0.20 -13.83 19.39
C ASP A 246 -0.06 -13.86 17.88
N VAL A 247 1.17 -13.96 17.42
CA VAL A 247 1.47 -13.78 16.00
C VAL A 247 1.18 -15.02 15.17
N VAL A 248 0.39 -14.85 14.12
CA VAL A 248 0.21 -15.90 13.13
C VAL A 248 1.16 -15.63 11.96
N ASP A 249 0.97 -14.52 11.25
CA ASP A 249 2.00 -14.08 10.32
C ASP A 249 1.90 -12.57 10.15
N THR A 250 2.93 -11.97 9.58
CA THR A 250 2.96 -10.51 9.46
C THR A 250 2.82 -10.03 8.02
N VAL A 251 2.44 -10.92 7.12
CA VAL A 251 2.37 -10.53 5.71
C VAL A 251 1.28 -9.49 5.48
N GLY A 252 1.67 -8.39 4.86
CA GLY A 252 0.73 -7.35 4.57
C GLY A 252 0.39 -6.47 5.75
N ALA A 253 1.08 -6.66 6.88
CA ALA A 253 0.77 -5.82 8.05
C ALA A 253 0.98 -4.34 7.73
N GLY A 254 1.98 -4.02 6.92
CA GLY A 254 2.29 -2.65 6.56
C GLY A 254 1.15 -2.02 5.77
N ASP A 255 0.40 -2.85 5.03
CA ASP A 255 -0.72 -2.31 4.25
C ASP A 255 -1.80 -1.74 5.16
N THR A 256 -2.01 -2.39 6.30
CA THR A 256 -2.98 -1.92 7.29
C THR A 256 -2.46 -0.69 8.03
N VAL A 257 -1.15 -0.59 8.25
CA VAL A 257 -0.66 0.64 8.84
C VAL A 257 -0.99 1.83 7.94
N ASN A 258 -0.84 1.66 6.61
CA ASN A 258 -1.21 2.73 5.67
C ASN A 258 -2.65 3.18 5.92
N ALA A 259 -3.54 2.19 5.99
CA ALA A 259 -4.97 2.46 6.16
C ALA A 259 -5.26 3.17 7.48
N GLY A 260 -4.63 2.72 8.55
CA GLY A 260 -4.90 3.32 9.85
C GLY A 260 -4.49 4.78 9.89
N ILE A 261 -3.29 5.06 9.37
CA ILE A 261 -2.82 6.45 9.30
C ILE A 261 -3.76 7.35 8.51
N LEU A 262 -4.16 6.89 7.33
CA LEU A 262 -4.97 7.71 6.45
C LEU A 262 -6.40 7.83 7.01
N ALA A 263 -6.90 6.76 7.62
CA ALA A 263 -8.25 6.77 8.18
C ALA A 263 -8.35 7.76 9.33
N SER A 264 -7.34 7.76 10.19
CA SER A 264 -7.31 8.71 11.29
C SER A 264 -7.19 10.16 10.81
N LEU A 265 -6.28 10.43 9.87
CA LEU A 265 -6.16 11.78 9.36
C LEU A 265 -7.48 12.23 8.71
N HIS A 266 -8.16 11.30 8.04
CA HIS A 266 -9.46 11.60 7.44
C HIS A 266 -10.47 12.02 8.52
N SER A 267 -10.58 11.18 9.55
CA SER A 267 -11.51 11.44 10.65
C SER A 267 -11.22 12.76 11.35
N GLN A 268 -9.94 13.06 11.53
CA GLN A 268 -9.54 14.30 12.21
C GLN A 268 -9.69 15.54 11.32
N GLY A 269 -10.02 15.34 10.05
CA GLY A 269 -10.15 16.44 9.10
C GLY A 269 -8.83 17.08 8.72
N LEU A 270 -7.79 16.25 8.65
CA LEU A 270 -6.44 16.76 8.42
C LEU A 270 -5.87 16.36 7.07
N LEU A 271 -6.73 15.87 6.16
CA LEU A 271 -6.25 15.47 4.85
C LEU A 271 -6.24 16.61 3.84
N THR A 272 -5.44 17.61 4.13
CA THR A 272 -5.09 18.64 3.16
C THR A 272 -3.60 18.84 3.30
N LYS A 273 -2.98 19.35 2.24
CA LYS A 273 -1.55 19.58 2.26
C LYS A 273 -1.16 20.54 3.36
N ASP A 274 -1.98 21.56 3.56
CA ASP A 274 -1.67 22.57 4.53
C ASP A 274 -1.79 22.02 5.95
N ALA A 275 -2.82 21.21 6.19
CA ALA A 275 -3.02 20.63 7.51
C ALA A 275 -1.85 19.73 7.88
N LEU A 276 -1.32 19.00 6.90
CA LEU A 276 -0.25 18.05 7.17
C LEU A 276 1.04 18.76 7.53
N ALA A 277 1.20 19.98 7.04
CA ALA A 277 2.41 20.75 7.33
C ALA A 277 2.40 21.30 8.76
N ASN A 278 1.27 21.15 9.45
CA ASN A 278 1.13 21.71 10.79
C ASN A 278 0.71 20.71 11.86
N LEU A 279 0.95 19.43 11.62
CA LEU A 279 0.50 18.38 12.56
C LEU A 279 1.04 18.57 13.95
N SER A 280 0.18 18.41 14.95
CA SER A 280 0.61 18.43 16.34
C SER A 280 1.06 17.03 16.72
N GLU A 281 1.81 16.93 17.82
CA GLU A 281 2.22 15.63 18.33
C GLU A 281 1.01 14.73 18.58
N ASP A 282 -0.06 15.29 19.15
CA ASP A 282 -1.25 14.48 19.43
C ASP A 282 -1.87 13.92 18.15
N GLN A 283 -1.90 14.74 17.09
CA GLN A 283 -2.54 14.36 15.84
C GLN A 283 -1.73 13.26 15.15
N ILE A 284 -0.42 13.42 15.17
CA ILE A 284 0.48 12.40 14.66
C ILE A 284 0.35 11.08 15.41
N HIS A 285 0.37 11.15 16.75
CA HIS A 285 0.30 9.95 17.56
C HIS A 285 -1.01 9.21 17.30
N SER A 286 -2.13 9.94 17.27
CA SER A 286 -3.43 9.32 17.02
C SER A 286 -3.43 8.54 15.72
N ALA A 287 -2.86 9.13 14.66
CA ALA A 287 -2.91 8.52 13.35
C ALA A 287 -2.02 7.28 13.26
N VAL A 288 -0.79 7.40 13.78
CA VAL A 288 0.11 6.27 13.70
C VAL A 288 -0.31 5.15 14.66
N ALA A 289 -0.84 5.51 15.83
CA ALA A 289 -1.36 4.51 16.75
C ALA A 289 -2.53 3.70 16.17
N LEU A 290 -3.42 4.34 15.41
CA LEU A 290 -4.50 3.58 14.76
C LEU A 290 -3.91 2.60 13.74
N GLY A 291 -2.91 3.05 12.98
CA GLY A 291 -2.25 2.17 12.04
C GLY A 291 -1.62 0.99 12.76
N VAL A 292 -0.97 1.25 13.89
CA VAL A 292 -0.30 0.20 14.63
C VAL A 292 -1.30 -0.78 15.28
N ARG A 293 -2.39 -0.24 15.82
CA ARG A 293 -3.41 -1.06 16.46
C ARG A 293 -4.15 -1.94 15.45
N ALA A 294 -4.50 -1.36 14.31
CA ALA A 294 -5.14 -2.11 13.24
C ALA A 294 -4.22 -3.19 12.71
N ALA A 295 -2.95 -2.85 12.51
CA ALA A 295 -2.01 -3.81 11.95
C ALA A 295 -1.83 -5.01 12.88
N ALA A 296 -1.91 -4.76 14.18
CA ALA A 296 -1.81 -5.83 15.17
C ALA A 296 -2.91 -6.87 14.97
N VAL A 297 -4.11 -6.44 14.59
CA VAL A 297 -5.16 -7.43 14.31
C VAL A 297 -4.78 -8.31 13.13
N THR A 298 -4.25 -7.69 12.07
CA THR A 298 -3.83 -8.41 10.89
CA THR A 298 -3.86 -8.45 10.89
C THR A 298 -2.78 -9.47 11.23
N VAL A 299 -1.84 -9.11 12.08
CA VAL A 299 -0.77 -10.07 12.35
C VAL A 299 -1.27 -11.20 13.25
N SER A 300 -2.44 -11.01 13.87
CA SER A 300 -3.04 -12.03 14.73
CA SER A 300 -3.01 -12.04 14.74
C SER A 300 -3.70 -13.15 13.94
N ARG A 301 -3.73 -13.01 12.62
CA ARG A 301 -4.37 -14.04 11.78
C ARG A 301 -3.68 -14.23 10.45
N ALA A 302 -4.11 -15.24 9.70
CA ALA A 302 -3.41 -15.64 8.49
C ALA A 302 -3.57 -14.64 7.35
N GLY A 303 -2.43 -14.25 6.79
CA GLY A 303 -2.43 -13.41 5.61
C GLY A 303 -2.78 -11.96 5.88
N ALA A 304 -2.96 -11.21 4.80
CA ALA A 304 -3.43 -9.85 4.87
C ALA A 304 -4.95 -9.87 4.94
N ASN A 305 -5.43 -9.88 6.17
CA ASN A 305 -6.85 -9.88 6.48
C ASN A 305 -7.15 -8.70 7.40
N PRO A 306 -7.35 -7.51 6.83
CA PRO A 306 -7.39 -6.32 7.69
C PRO A 306 -8.68 -6.22 8.49
N PRO A 307 -8.63 -5.52 9.63
CA PRO A 307 -9.75 -5.43 10.57
C PRO A 307 -10.88 -4.51 10.13
N TRP A 308 -12.11 -4.98 10.34
CA TRP A 308 -13.26 -4.09 10.29
C TRP A 308 -13.24 -3.18 11.50
N ALA A 309 -13.70 -1.95 11.36
CA ALA A 309 -13.83 -1.06 12.51
C ALA A 309 -14.57 -1.74 13.65
N HIS A 310 -15.59 -2.53 13.29
CA HIS A 310 -16.40 -3.21 14.32
C HIS A 310 -15.71 -4.39 14.97
N GLU A 311 -14.56 -4.78 14.45
CA GLU A 311 -13.71 -5.80 15.08
C GLU A 311 -12.79 -5.19 16.14
N MET A 312 -12.69 -3.87 16.17
CA MET A 312 -11.76 -3.19 17.06
C MET A 312 -12.46 -2.47 18.22
#